data_9NVU
#
_entry.id   9NVU
#
loop_
_entity.id
_entity.type
_entity.pdbx_description
1 polymer NTS
2 polymer 'OrufIscB-REC-swap 49'
3 polymer 'DNA TS'
4 polymer 'RNA (162-MER)'
5 non-polymer 'MAGNESIUM ION'
6 non-polymer 'ZINC ION'
#
loop_
_entity_poly.entity_id
_entity_poly.type
_entity_poly.pdbx_seq_one_letter_code
_entity_poly.pdbx_strand_id
1 'polydeoxyribonucleotide'
;(DA)(DA)(DA)(DA)(DT)(DG)(DA)(DC)(DT)(DT)(DC)(DT)(DC)(DA)(DT)(DA)(DA)(DA)(DA)(DT)
(DT)(DC)(DC)(DC)(DG)(DG)(DG)(DT)(DA)
;
N
2 'polypeptide(L)'
;RYVYVLDVDGKPLMPTCRFGKVRRMLKSGQAKAVDTLPFTIQLTYKPRTRILQPVTLGQDPGRTNIGMAAVRFDGKELGR
FHCITRNKEIPKLMADRMAARKASRRGERLARKRLARKLHTTAKHLNGRILPGCSEPIAVKDIINTESRFNNRILTKCKV
CGKNTPLRRNVRELLLENIVRFLPLESELKETLKRTILEGQQGNINKLFRKLRKVYKITLNQKDWPGKNLTDIAKNKLPG
RLPFCKEHFAENEKFTTIEKSTFRLTPTATQLLRTHINLFRKLSGILPVTDVAVELNKFAFMQLDNPEMKKREIDFCHGP
LCGTGGLEAAVKEQQDGKCLLCGKESIGHYHHIVPRSRRGSNTIANIAGLCPKCHELVHKDADTAESLTEMKTGLMKKYG
GTSVLNQIIPKLVETLADLFPGHFHVTNGWNTKEFREKHHLEKDHDVDAYCIACSHLKPEETLVETEPFEILQFRKHNRA
IIHHQTERTYKLDGVTVAKNRKKRMEQKTDSLEDWYVDMAKEHGKTQADAMRSRLTVIKSTRYYNTPGRMMPGTVFLYEG
KRYVMTGQITNGKYYRAYGQEKRNFPAVKVRILTKNTGLVFVA
;
P
3 'polydeoxyribonucleotide'
;(DT)(DA)(DC)(DC)(DC)(DG)(DG)(DG)(DA)(DA)(DT)(DT)(DT)(DT)(DA)(DT)(DG)(DA)(DG)(DA)
(DA)(DG)(DT)(DC)(DA)(DT)(DT)(DT)(DA)(DA)(DT)(DA)(DA)(DG)(DG)(DC)(DC)(DA)(DC)
;
T
4 'polyribonucleotide'
;GGGCCUUAUUAAAUGACUUCUCGUCAAUAACCCAUGACUGAAGUCAUGGGCUUGCAGAUGCAGGUCCUGAUGGAAGAAAG
GGUUACUGAGCAGAGCAGUGACAUGUCAUUCGCCGCGGGGUGAUUCCAAGCUCCGCGCUCCGGCUAGACAUGCCCAUGCU
UUGGAAACUUUAACGGUAUGUGCGGUUUUCCGCUUAUACCGGCUUACAACAAAUAAGGAGUUAUUAG
;
W
#
loop_
_chem_comp.id
_chem_comp.type
_chem_comp.name
_chem_comp.formula
A RNA linking ADENOSINE-5'-MONOPHOSPHATE 'C10 H14 N5 O7 P'
C RNA linking CYTIDINE-5'-MONOPHOSPHATE 'C9 H14 N3 O8 P'
DA DNA linking 2'-DEOXYADENOSINE-5'-MONOPHOSPHATE 'C10 H14 N5 O6 P'
DC DNA linking 2'-DEOXYCYTIDINE-5'-MONOPHOSPHATE 'C9 H14 N3 O7 P'
DG DNA linking 2'-DEOXYGUANOSINE-5'-MONOPHOSPHATE 'C10 H14 N5 O7 P'
DT DNA linking THYMIDINE-5'-MONOPHOSPHATE 'C10 H15 N2 O8 P'
G RNA linking GUANOSINE-5'-MONOPHOSPHATE 'C10 H14 N5 O8 P'
MG non-polymer 'MAGNESIUM ION' 'Mg 2'
U RNA linking URIDINE-5'-MONOPHOSPHATE 'C9 H13 N2 O9 P'
ZN non-polymer 'ZINC ION' 'Zn 2'
#
# COMPACT_ATOMS: atom_id res chain seq x y z
N ARG B 1 -19.93 22.54 19.72
CA ARG B 1 -18.73 21.71 20.08
C ARG B 1 -18.39 21.94 21.56
N TYR B 2 -18.07 20.89 22.32
CA TYR B 2 -17.62 21.01 23.71
C TYR B 2 -16.26 21.68 23.82
N VAL B 3 -15.94 22.24 25.00
CA VAL B 3 -14.61 22.75 25.31
C VAL B 3 -13.86 21.69 26.09
N TYR B 4 -12.66 21.35 25.65
CA TYR B 4 -11.84 20.32 26.30
C TYR B 4 -11.00 20.95 27.40
N VAL B 5 -11.05 20.37 28.60
CA VAL B 5 -10.48 20.96 29.82
C VAL B 5 -9.30 20.12 30.30
N LEU B 6 -8.16 20.78 30.50
CA LEU B 6 -6.94 20.18 31.04
C LEU B 6 -6.72 20.63 32.49
N ASP B 7 -6.29 19.69 33.33
CA ASP B 7 -5.86 19.94 34.70
C ASP B 7 -4.53 20.72 34.75
N VAL B 8 -4.16 21.22 35.91
CA VAL B 8 -2.87 21.92 36.12
C VAL B 8 -1.65 20.99 35.93
N ASP B 9 -1.84 19.67 36.08
CA ASP B 9 -0.87 18.64 35.68
C ASP B 9 -0.71 18.45 34.15
N GLY B 10 -1.65 18.96 33.35
CA GLY B 10 -1.74 18.72 31.89
C GLY B 10 -2.61 17.52 31.48
N LYS B 11 -3.06 16.71 32.45
CA LYS B 11 -3.96 15.56 32.26
C LYS B 11 -5.39 16.04 31.90
N PRO B 12 -6.14 15.34 31.04
CA PRO B 12 -7.52 15.69 30.76
C PRO B 12 -8.45 15.64 31.98
N LEU B 13 -9.47 16.49 31.97
CA LEU B 13 -10.69 16.41 32.78
C LEU B 13 -11.89 16.26 31.84
N MET B 14 -13.11 16.11 32.36
CA MET B 14 -14.30 15.99 31.53
C MET B 14 -14.56 17.28 30.72
N PRO B 15 -15.03 17.22 29.47
CA PRO B 15 -15.37 18.42 28.71
C PRO B 15 -16.49 19.27 29.34
N THR B 16 -16.59 20.55 28.96
CA THR B 16 -17.64 21.46 29.43
C THR B 16 -18.49 22.02 28.29
N CYS B 17 -19.80 22.12 28.55
CA CYS B 17 -20.78 22.84 27.73
C CYS B 17 -20.95 24.32 28.11
N ARG B 18 -20.37 24.76 29.23
CA ARG B 18 -20.64 26.07 29.85
C ARG B 18 -19.83 27.18 29.18
N PHE B 19 -20.18 27.52 27.95
CA PHE B 19 -19.46 28.50 27.12
C PHE B 19 -19.34 29.86 27.79
N GLY B 20 -20.35 30.28 28.54
CA GLY B 20 -20.30 31.50 29.36
C GLY B 20 -19.23 31.46 30.43
N LYS B 21 -19.17 30.40 31.26
CA LYS B 21 -18.14 30.30 32.29
C LYS B 21 -16.75 30.20 31.70
N VAL B 22 -16.57 29.52 30.58
CA VAL B 22 -15.28 29.49 29.88
C VAL B 22 -14.80 30.91 29.53
N ARG B 23 -15.66 31.79 29.00
CA ARG B 23 -15.23 33.17 28.70
C ARG B 23 -15.06 34.05 29.94
N ARG B 24 -15.86 33.84 31.00
CA ARG B 24 -15.62 34.45 32.32
C ARG B 24 -14.29 34.01 32.95
N MET B 25 -13.91 32.73 32.83
CA MET B 25 -12.63 32.19 33.30
C MET B 25 -11.44 32.75 32.51
N LEU B 26 -11.54 32.84 31.19
CA LEU B 26 -10.48 33.37 30.34
C LEU B 26 -10.25 34.89 30.58
N LYS B 27 -11.31 35.67 30.78
CA LYS B 27 -11.20 37.09 31.19
C LYS B 27 -10.58 37.31 32.57
N SER B 28 -10.54 36.30 33.44
CA SER B 28 -10.18 36.41 34.86
C SER B 28 -9.02 35.51 35.29
N GLY B 29 -8.25 34.95 34.37
CA GLY B 29 -7.03 34.20 34.65
C GLY B 29 -7.23 32.82 35.30
N GLN B 30 -8.47 32.33 35.36
CA GLN B 30 -8.79 30.99 35.87
C GLN B 30 -8.56 29.88 34.83
N ALA B 31 -8.34 30.23 33.57
CA ALA B 31 -7.89 29.32 32.52
C ALA B 31 -7.04 30.04 31.46
N LYS B 32 -6.28 29.25 30.68
CA LYS B 32 -5.50 29.69 29.51
C LYS B 32 -5.95 28.90 28.27
N ALA B 33 -6.11 29.56 27.12
CA ALA B 33 -6.51 28.94 25.86
C ALA B 33 -5.35 28.20 25.17
N VAL B 34 -5.14 26.93 25.51
CA VAL B 34 -4.05 26.09 24.99
C VAL B 34 -4.17 25.81 23.48
N ASP B 35 -5.36 25.69 22.94
CA ASP B 35 -5.57 25.45 21.51
C ASP B 35 -6.87 26.09 21.02
N THR B 36 -6.91 26.62 19.80
CA THR B 36 -8.13 27.09 19.14
C THR B 36 -8.83 26.03 18.30
N LEU B 37 -8.18 24.92 17.93
CA LEU B 37 -8.82 23.82 17.20
C LEU B 37 -8.12 22.46 17.44
N PRO B 38 -8.72 21.53 18.19
CA PRO B 38 -10.00 21.65 18.87
C PRO B 38 -9.88 22.62 20.04
N PHE B 39 -10.87 23.49 20.24
CA PHE B 39 -10.76 24.54 21.25
C PHE B 39 -10.61 23.93 22.65
N THR B 40 -9.47 24.20 23.29
CA THR B 40 -8.98 23.52 24.49
C THR B 40 -8.47 24.55 25.49
N ILE B 41 -8.80 24.39 26.77
CA ILE B 41 -8.37 25.28 27.85
C ILE B 41 -7.69 24.49 28.97
N GLN B 42 -6.73 25.09 29.66
CA GLN B 42 -6.10 24.54 30.86
C GLN B 42 -6.45 25.35 32.10
N LEU B 43 -6.91 24.70 33.15
CA LEU B 43 -7.23 25.35 34.42
C LEU B 43 -5.96 25.83 35.14
N THR B 44 -6.01 27.02 35.73
CA THR B 44 -4.91 27.55 36.58
C THR B 44 -5.09 27.23 38.07
N TYR B 45 -6.15 26.48 38.42
CA TYR B 45 -6.51 26.10 39.78
C TYR B 45 -6.93 24.63 39.85
N LYS B 46 -6.95 24.05 41.05
CA LYS B 46 -7.35 22.66 41.29
C LYS B 46 -8.76 22.62 41.90
N PRO B 47 -9.76 22.02 41.24
CA PRO B 47 -11.15 22.08 41.70
C PRO B 47 -11.41 21.32 43.00
N ARG B 48 -12.51 21.64 43.68
CA ARG B 48 -12.91 21.06 44.99
C ARG B 48 -13.21 19.56 44.93
N THR B 49 -13.50 19.04 43.74
CA THR B 49 -13.70 17.62 43.43
C THR B 49 -12.94 17.28 42.16
N ARG B 50 -12.66 15.99 41.93
CA ARG B 50 -12.01 15.52 40.69
C ARG B 50 -12.61 14.20 40.24
N ILE B 51 -13.91 14.23 39.97
CA ILE B 51 -14.70 13.08 39.53
C ILE B 51 -14.89 13.16 38.02
N LEU B 52 -14.59 12.05 37.35
CA LEU B 52 -14.63 11.84 35.90
C LEU B 52 -15.48 10.59 35.63
N GLN B 53 -16.34 10.61 34.61
CA GLN B 53 -17.05 9.41 34.14
C GLN B 53 -16.17 8.59 33.17
N PRO B 54 -16.38 7.28 33.01
CA PRO B 54 -15.77 6.52 31.93
C PRO B 54 -16.06 7.14 30.55
N VAL B 55 -15.03 7.29 29.73
CA VAL B 55 -15.12 7.77 28.35
C VAL B 55 -14.55 6.69 27.42
N THR B 56 -15.36 6.26 26.47
CA THR B 56 -15.01 5.25 25.47
C THR B 56 -14.68 5.94 24.16
N LEU B 57 -13.55 5.60 23.57
CA LEU B 57 -13.11 6.15 22.30
C LEU B 57 -13.23 5.06 21.22
N GLY B 58 -14.08 5.29 20.23
CA GLY B 58 -14.38 4.33 19.17
C GLY B 58 -13.77 4.70 17.83
N GLN B 59 -13.44 3.72 17.00
CA GLN B 59 -12.82 3.95 15.68
C GLN B 59 -13.51 3.19 14.55
N ASP B 60 -13.83 3.86 13.44
CA ASP B 60 -14.18 3.26 12.15
C ASP B 60 -12.90 3.20 11.30
N PRO B 61 -12.22 2.03 11.15
CA PRO B 61 -11.02 1.95 10.33
C PRO B 61 -11.28 2.23 8.84
N GLY B 62 -10.23 2.57 8.12
CA GLY B 62 -10.23 2.88 6.70
C GLY B 62 -8.81 3.21 6.24
N ARG B 63 -8.49 3.08 4.95
CA ARG B 63 -7.21 3.54 4.42
C ARG B 63 -7.12 5.06 4.48
N THR B 64 -8.05 5.72 3.79
CA THR B 64 -8.08 7.16 3.61
C THR B 64 -8.95 7.81 4.66
N ASN B 65 -10.08 7.23 5.03
CA ASN B 65 -11.00 7.81 5.99
C ASN B 65 -11.05 7.01 7.29
N ILE B 66 -10.56 7.59 8.38
CA ILE B 66 -10.66 6.99 9.72
C ILE B 66 -11.66 7.82 10.52
N GLY B 67 -12.71 7.21 11.05
CA GLY B 67 -13.64 7.89 11.95
C GLY B 67 -13.28 7.67 13.40
N MET B 68 -13.39 8.69 14.24
CA MET B 68 -13.30 8.56 15.70
C MET B 68 -14.52 9.18 16.37
N ALA B 69 -14.95 8.64 17.51
CA ALA B 69 -15.94 9.28 18.35
C ALA B 69 -15.65 9.03 19.83
N ALA B 70 -15.86 10.05 20.66
CA ALA B 70 -15.79 9.95 22.10
C ALA B 70 -17.20 9.86 22.67
N VAL B 71 -17.50 8.80 23.42
CA VAL B 71 -18.80 8.57 24.05
C VAL B 71 -18.65 8.36 25.54
N ARG B 72 -19.31 9.17 26.35
CA ARG B 72 -19.36 9.00 27.80
C ARG B 72 -20.23 7.79 28.18
N PHE B 73 -20.04 7.22 29.36
CA PHE B 73 -20.70 5.98 29.80
C PHE B 73 -22.22 5.91 29.60
N ASP B 74 -22.92 7.04 29.67
CA ASP B 74 -24.36 7.19 29.50
C ASP B 74 -24.82 7.27 28.02
N GLY B 75 -23.88 7.33 27.08
CA GLY B 75 -24.12 7.37 25.64
C GLY B 75 -23.95 8.75 25.00
N LYS B 76 -23.65 9.80 25.78
CA LYS B 76 -23.54 11.16 25.25
C LYS B 76 -22.25 11.37 24.46
N GLU B 77 -22.38 11.87 23.24
CA GLU B 77 -21.27 12.23 22.37
C GLU B 77 -20.50 13.41 22.99
N LEU B 78 -19.20 13.25 23.22
CA LEU B 78 -18.29 14.30 23.67
C LEU B 78 -17.39 14.86 22.56
N GLY B 79 -17.46 14.29 21.37
CA GLY B 79 -16.73 14.74 20.18
C GLY B 79 -16.76 13.67 19.09
N ARG B 80 -16.74 14.11 17.84
CA ARG B 80 -16.66 13.28 16.65
C ARG B 80 -15.59 13.81 15.72
N PHE B 81 -14.83 12.93 15.09
CA PHE B 81 -13.65 13.31 14.31
C PHE B 81 -13.60 12.50 13.02
N HIS B 82 -13.23 13.13 11.92
CA HIS B 82 -12.93 12.48 10.64
C HIS B 82 -11.48 12.76 10.29
N CYS B 83 -10.68 11.72 10.14
CA CYS B 83 -9.28 11.82 9.74
C CYS B 83 -9.11 11.38 8.29
N ILE B 84 -8.55 12.24 7.44
CA ILE B 84 -8.16 11.95 6.07
C ILE B 84 -6.66 11.70 6.05
N THR B 85 -6.25 10.47 5.78
CA THR B 85 -4.84 10.06 5.88
C THR B 85 -4.06 10.42 4.61
N ARG B 86 -2.75 10.20 4.67
CA ARG B 86 -1.81 10.38 3.55
C ARG B 86 -1.42 9.08 2.85
N ASN B 87 -1.97 7.93 3.27
CA ASN B 87 -1.45 6.60 2.94
C ASN B 87 -1.43 6.25 1.43
N LYS B 88 -2.23 6.92 0.60
CA LYS B 88 -2.21 6.83 -0.86
C LYS B 88 -0.83 7.09 -1.46
N GLU B 89 -0.05 8.00 -0.88
CA GLU B 89 1.22 8.46 -1.43
C GLU B 89 2.34 7.42 -1.37
N ILE B 90 2.34 6.58 -0.34
CA ILE B 90 3.52 5.80 0.04
C ILE B 90 3.96 4.81 -1.04
N PRO B 91 3.07 4.02 -1.68
CA PRO B 91 3.48 3.14 -2.77
C PRO B 91 4.18 3.86 -3.93
N LYS B 92 3.74 5.07 -4.29
CA LYS B 92 4.35 5.89 -5.34
C LYS B 92 5.70 6.47 -4.89
N LEU B 93 5.81 6.94 -3.65
CA LEU B 93 7.08 7.40 -3.10
C LEU B 93 8.11 6.26 -2.98
N MET B 94 7.69 5.05 -2.60
CA MET B 94 8.54 3.87 -2.64
C MET B 94 8.90 3.46 -4.08
N ALA B 95 8.00 3.58 -5.04
CA ALA B 95 8.27 3.32 -6.46
C ALA B 95 9.19 4.38 -7.12
N ASP B 96 9.25 5.60 -6.59
CA ASP B 96 10.26 6.59 -7.00
C ASP B 96 11.62 6.30 -6.39
N ARG B 97 11.65 5.85 -5.13
CA ARG B 97 12.86 5.41 -4.42
C ARG B 97 13.50 4.22 -5.13
N MET B 98 12.74 3.17 -5.46
CA MET B 98 13.03 2.19 -6.53
C MET B 98 13.77 2.76 -7.73
N ALA B 99 13.12 3.62 -8.53
CA ALA B 99 13.67 4.10 -9.78
C ALA B 99 14.98 4.86 -9.57
N ALA B 100 15.06 5.71 -8.55
CA ALA B 100 16.24 6.48 -8.22
C ALA B 100 17.41 5.60 -7.73
N ARG B 101 17.18 4.65 -6.82
CA ARG B 101 18.24 3.76 -6.33
C ARG B 101 18.84 2.94 -7.47
N LYS B 102 17.99 2.30 -8.28
CA LYS B 102 18.45 1.52 -9.44
C LYS B 102 19.14 2.37 -10.49
N ALA B 103 18.66 3.58 -10.80
CA ALA B 103 19.36 4.50 -11.68
C ALA B 103 20.75 4.90 -11.15
N SER B 104 20.89 5.15 -9.84
CA SER B 104 22.19 5.42 -9.24
C SER B 104 23.17 4.25 -9.39
N ARG B 105 22.72 3.02 -9.14
CA ARG B 105 23.54 1.80 -9.29
C ARG B 105 23.89 1.49 -10.74
N ARG B 106 22.99 1.78 -11.68
CA ARG B 106 23.23 1.77 -13.13
C ARG B 106 24.32 2.76 -13.52
N GLY B 107 24.37 3.94 -12.91
CA GLY B 107 25.43 4.91 -13.12
C GLY B 107 26.80 4.47 -12.62
N GLU B 108 26.88 3.85 -11.44
CA GLU B 108 28.14 3.27 -10.96
C GLU B 108 28.63 2.11 -11.85
N ARG B 109 27.73 1.25 -12.30
CA ARG B 109 28.03 0.22 -13.29
C ARG B 109 28.51 0.81 -14.62
N LEU B 110 27.86 1.86 -15.13
CA LEU B 110 28.28 2.50 -16.37
C LEU B 110 29.66 3.18 -16.24
N ALA B 111 29.99 3.76 -15.09
CA ALA B 111 31.34 4.27 -14.83
C ALA B 111 32.41 3.18 -14.87
N ARG B 112 32.16 2.00 -14.28
CA ARG B 112 33.05 0.82 -14.40
C ARG B 112 33.18 0.37 -15.84
N LYS B 113 32.08 0.25 -16.58
CA LYS B 113 32.08 -0.19 -17.99
C LYS B 113 32.91 0.74 -18.86
N ARG B 114 32.74 2.05 -18.72
CA ARG B 114 33.44 3.03 -19.53
C ARG B 114 34.94 3.03 -19.23
N LEU B 115 35.32 2.77 -17.98
CA LEU B 115 36.71 2.53 -17.59
C LEU B 115 37.27 1.20 -18.13
N ALA B 116 36.48 0.13 -18.18
CA ALA B 116 36.88 -1.14 -18.79
C ALA B 116 37.10 -1.07 -20.31
N ARG B 117 36.26 -0.32 -21.06
CA ARG B 117 36.47 -0.07 -22.50
C ARG B 117 37.80 0.61 -22.79
N LYS B 118 38.17 1.58 -21.95
CA LYS B 118 39.44 2.33 -22.05
C LYS B 118 40.69 1.47 -21.81
N LEU B 119 40.58 0.42 -21.00
CA LEU B 119 41.68 -0.45 -20.57
C LEU B 119 41.62 -1.86 -21.17
N HIS B 120 40.66 -2.14 -22.05
CA HIS B 120 40.43 -3.44 -22.69
C HIS B 120 40.13 -4.60 -21.73
N THR B 121 39.60 -4.29 -20.53
CA THR B 121 39.20 -5.28 -19.52
C THR B 121 37.73 -5.67 -19.62
N THR B 122 37.08 -5.47 -20.76
CA THR B 122 35.71 -5.94 -21.01
C THR B 122 35.68 -7.46 -21.24
N ALA B 123 34.61 -8.13 -20.83
CA ALA B 123 34.43 -9.57 -20.96
C ALA B 123 34.37 -10.05 -22.42
N LYS B 124 35.14 -11.08 -22.77
CA LYS B 124 35.12 -11.68 -24.12
C LYS B 124 33.83 -12.48 -24.36
N HIS B 125 33.12 -12.18 -25.44
CA HIS B 125 31.94 -12.91 -25.95
C HIS B 125 30.83 -13.25 -24.93
N LEU B 126 30.77 -12.52 -23.81
CA LEU B 126 29.73 -12.66 -22.78
C LEU B 126 28.38 -12.14 -23.31
N ASN B 127 27.38 -13.02 -23.35
CA ASN B 127 26.03 -12.75 -23.83
C ASN B 127 25.02 -13.27 -22.79
N GLY B 128 25.04 -12.66 -21.61
CA GLY B 128 24.24 -13.06 -20.47
C GLY B 128 24.77 -14.27 -19.69
N ARG B 129 24.18 -14.52 -18.51
CA ARG B 129 24.59 -15.57 -17.57
C ARG B 129 23.39 -16.17 -16.85
N ILE B 130 23.43 -17.46 -16.52
CA ILE B 130 22.35 -18.18 -15.81
C ILE B 130 22.79 -18.40 -14.36
N LEU B 131 22.02 -17.85 -13.41
CA LEU B 131 22.26 -17.95 -11.97
C LEU B 131 21.57 -19.19 -11.36
N PRO B 132 22.01 -19.69 -10.18
CA PRO B 132 21.53 -20.94 -9.60
C PRO B 132 20.01 -21.18 -9.48
N GLY B 133 19.22 -20.15 -9.18
CA GLY B 133 17.76 -20.30 -9.03
C GLY B 133 16.93 -20.01 -10.29
N CYS B 134 17.57 -19.49 -11.33
CA CYS B 134 16.97 -19.09 -12.60
C CYS B 134 16.99 -20.22 -13.64
N SER B 135 16.22 -20.07 -14.72
CA SER B 135 16.27 -20.94 -15.89
C SER B 135 16.69 -20.19 -17.15
N GLU B 136 16.21 -18.97 -17.37
CA GLU B 136 16.66 -18.08 -18.45
C GLU B 136 17.81 -17.14 -18.02
N PRO B 137 18.64 -16.63 -18.95
CA PRO B 137 19.74 -15.73 -18.61
C PRO B 137 19.30 -14.34 -18.14
N ILE B 138 20.12 -13.70 -17.30
CA ILE B 138 20.16 -12.22 -17.24
C ILE B 138 20.94 -11.73 -18.46
N ALA B 139 20.47 -10.70 -19.15
CA ALA B 139 21.09 -10.15 -20.37
C ALA B 139 22.34 -9.28 -20.11
N VAL B 140 23.27 -9.74 -19.27
CA VAL B 140 24.49 -9.03 -18.89
C VAL B 140 25.47 -8.89 -20.07
N LYS B 141 26.13 -7.73 -20.23
CA LYS B 141 26.99 -7.43 -21.39
C LYS B 141 28.50 -7.34 -21.06
N ASP B 142 29.00 -6.16 -20.73
CA ASP B 142 30.42 -5.80 -20.92
C ASP B 142 31.37 -6.23 -19.79
N ILE B 143 30.85 -6.41 -18.58
CA ILE B 143 31.52 -6.78 -17.33
C ILE B 143 30.63 -7.83 -16.65
N ILE B 144 31.18 -8.87 -16.02
CA ILE B 144 30.47 -10.10 -15.68
C ILE B 144 29.15 -9.88 -14.94
N ASN B 145 29.15 -9.17 -13.81
CA ASN B 145 27.95 -8.94 -12.98
C ASN B 145 28.31 -8.10 -11.75
N THR B 146 27.31 -7.77 -10.93
CA THR B 146 27.46 -7.54 -9.48
C THR B 146 26.65 -8.62 -8.78
N GLU B 147 27.08 -9.18 -7.64
CA GLU B 147 26.38 -10.33 -7.07
C GLU B 147 24.89 -10.05 -6.86
N SER B 148 24.04 -10.97 -7.31
CA SER B 148 22.60 -10.87 -7.14
C SER B 148 22.11 -11.79 -6.04
N ARG B 149 21.44 -11.24 -5.02
CA ARG B 149 21.25 -11.89 -3.71
C ARG B 149 19.83 -12.35 -3.36
N PHE B 150 19.09 -12.92 -4.30
CA PHE B 150 17.67 -13.26 -4.14
C PHE B 150 17.34 -14.67 -3.60
N ASN B 151 18.26 -15.62 -3.51
CA ASN B 151 17.90 -17.02 -3.21
C ASN B 151 17.38 -17.26 -1.79
N ASN B 152 17.85 -16.51 -0.81
CA ASN B 152 17.48 -16.66 0.59
C ASN B 152 16.66 -15.48 1.13
N ARG B 153 17.34 -14.38 1.53
CA ARG B 153 16.78 -13.21 2.21
C ARG B 153 15.74 -13.61 3.26
N ILE B 154 16.24 -14.20 4.36
CA ILE B 154 15.40 -14.76 5.42
C ILE B 154 14.58 -13.67 6.11
N LEU B 155 13.30 -13.98 6.33
CA LEU B 155 12.32 -13.13 6.99
C LEU B 155 11.40 -13.99 7.88
N THR B 156 10.84 -15.08 7.36
CA THR B 156 10.31 -16.17 8.19
C THR B 156 11.43 -16.93 8.90
N LYS B 157 11.29 -17.15 10.22
CA LYS B 157 12.14 -18.05 11.03
C LYS B 157 11.25 -18.96 11.88
N CYS B 158 11.80 -20.05 12.39
CA CYS B 158 11.05 -21.09 13.08
C CYS B 158 10.32 -20.52 14.31
N LYS B 159 8.97 -20.55 14.29
CA LYS B 159 8.08 -19.96 15.31
C LYS B 159 8.27 -20.51 16.73
N VAL B 160 9.07 -21.57 16.91
CA VAL B 160 9.38 -22.20 18.22
C VAL B 160 10.88 -22.29 18.54
N CYS B 161 11.77 -21.67 17.75
CA CYS B 161 13.23 -21.75 17.95
C CYS B 161 14.02 -20.46 17.64
N GLY B 162 13.66 -19.72 16.58
CA GLY B 162 14.56 -18.76 15.93
C GLY B 162 15.55 -19.35 14.91
N LYS B 163 15.71 -20.68 14.84
CA LYS B 163 16.39 -21.40 13.72
C LYS B 163 15.72 -21.13 12.37
N ASN B 164 16.44 -21.33 11.28
CA ASN B 164 15.90 -21.24 9.92
C ASN B 164 14.99 -22.41 9.55
N THR B 165 14.23 -22.20 8.48
CA THR B 165 13.26 -23.14 7.97
C THR B 165 13.47 -23.40 6.47
N PRO B 166 13.24 -24.63 5.98
CA PRO B 166 13.58 -25.03 4.61
C PRO B 166 12.60 -24.52 3.55
N LEU B 167 13.06 -24.45 2.29
CA LEU B 167 12.20 -24.17 1.14
C LEU B 167 11.33 -25.38 0.81
N ARG B 168 10.08 -25.12 0.41
CA ARG B 168 9.11 -26.19 0.07
C ARG B 168 9.58 -27.08 -1.10
N ARG B 169 10.42 -26.57 -2.01
CA ARG B 169 11.01 -27.35 -3.11
C ARG B 169 11.99 -28.44 -2.68
N ASN B 170 12.65 -28.28 -1.52
CA ASN B 170 13.67 -29.22 -1.02
C ASN B 170 13.10 -30.27 -0.05
N VAL B 171 12.23 -29.88 0.88
CA VAL B 171 11.62 -30.79 1.86
C VAL B 171 10.24 -31.32 1.42
N ARG B 172 10.06 -31.57 0.13
CA ARG B 172 8.80 -32.13 -0.43
C ARG B 172 8.34 -33.40 0.29
N GLU B 173 9.28 -34.21 0.75
CA GLU B 173 9.00 -35.44 1.51
C GLU B 173 8.28 -35.17 2.84
N LEU B 174 8.70 -34.16 3.60
CA LEU B 174 8.07 -33.83 4.89
C LEU B 174 6.67 -33.24 4.69
N LEU B 175 6.50 -32.39 3.67
CA LEU B 175 5.20 -31.83 3.29
C LEU B 175 4.21 -32.93 2.88
N LEU B 176 4.68 -33.89 2.06
CA LEU B 176 3.88 -35.03 1.61
C LEU B 176 3.55 -35.98 2.77
N GLU B 177 4.52 -36.25 3.63
CA GLU B 177 4.35 -37.10 4.80
C GLU B 177 3.28 -36.55 5.75
N ASN B 178 3.27 -35.25 6.04
CA ASN B 178 2.30 -34.66 6.95
C ASN B 178 0.85 -34.66 6.42
N ILE B 179 0.63 -35.03 5.15
CA ILE B 179 -0.71 -35.34 4.62
C ILE B 179 -1.02 -36.84 4.78
N VAL B 180 -0.12 -37.72 4.34
CA VAL B 180 -0.30 -39.20 4.40
C VAL B 180 -0.46 -39.71 5.84
N ARG B 181 0.21 -39.04 6.78
CA ARG B 181 0.25 -39.31 8.23
C ARG B 181 -1.07 -39.81 8.81
N PHE B 182 -2.17 -39.13 8.53
CA PHE B 182 -3.46 -39.31 9.19
C PHE B 182 -4.34 -40.43 8.60
N LEU B 183 -3.98 -41.01 7.45
CA LEU B 183 -4.83 -41.96 6.73
C LEU B 183 -4.99 -43.31 7.46
N PRO B 184 -6.08 -44.07 7.23
CA PRO B 184 -6.28 -45.43 7.74
C PRO B 184 -5.25 -46.49 7.32
N LEU B 185 -4.37 -46.20 6.37
CA LEU B 185 -3.42 -47.14 5.75
C LEU B 185 -2.43 -47.76 6.76
N GLU B 186 -2.02 -49.00 6.51
CA GLU B 186 -0.88 -49.63 7.20
C GLU B 186 0.45 -48.94 6.84
N SER B 187 1.43 -48.98 7.73
CA SER B 187 2.66 -48.17 7.62
C SER B 187 3.48 -48.45 6.36
N GLU B 188 3.54 -49.70 5.90
CA GLU B 188 4.19 -50.08 4.64
C GLU B 188 3.44 -49.50 3.42
N LEU B 189 2.12 -49.35 3.49
CA LEU B 189 1.32 -48.72 2.44
C LEU B 189 1.47 -47.19 2.47
N LYS B 190 1.59 -46.57 3.65
CA LYS B 190 1.98 -45.14 3.78
C LYS B 190 3.36 -44.87 3.17
N GLU B 191 4.34 -45.71 3.45
CA GLU B 191 5.66 -45.66 2.79
C GLU B 191 5.53 -45.81 1.26
N THR B 192 4.78 -46.81 0.81
CA THR B 192 4.57 -47.07 -0.63
C THR B 192 3.89 -45.88 -1.33
N LEU B 193 2.87 -45.27 -0.71
CA LEU B 193 2.18 -44.09 -1.22
C LEU B 193 3.10 -42.87 -1.35
N LYS B 194 3.87 -42.54 -0.31
CA LYS B 194 4.84 -41.43 -0.36
C LYS B 194 5.87 -41.67 -1.48
N ARG B 195 6.54 -42.82 -1.47
CA ARG B 195 7.59 -43.17 -2.44
C ARG B 195 7.07 -43.16 -3.89
N THR B 196 5.89 -43.73 -4.13
CA THR B 196 5.31 -43.79 -5.49
C THR B 196 4.97 -42.40 -6.03
N ILE B 197 4.44 -41.50 -5.19
CA ILE B 197 4.20 -40.10 -5.57
C ILE B 197 5.53 -39.34 -5.80
N LEU B 198 6.51 -39.51 -4.92
CA LEU B 198 7.83 -38.85 -5.03
C LEU B 198 8.60 -39.29 -6.29
N GLU B 199 8.39 -40.53 -6.77
CA GLU B 199 8.94 -41.01 -8.04
C GLU B 199 8.22 -40.45 -9.29
N GLY B 200 7.01 -39.92 -9.15
CA GLY B 200 6.26 -39.26 -10.24
C GLY B 200 5.74 -40.18 -11.36
N GLN B 201 5.74 -41.50 -11.14
CA GLN B 201 5.37 -42.50 -12.15
C GLN B 201 3.83 -42.58 -12.32
N GLN B 202 3.27 -41.77 -13.20
CA GLN B 202 1.82 -41.60 -13.42
C GLN B 202 1.02 -42.91 -13.47
N GLY B 203 1.51 -43.92 -14.21
CA GLY B 203 0.86 -45.23 -14.32
C GLY B 203 0.87 -46.02 -13.01
N ASN B 204 2.03 -46.14 -12.36
CA ASN B 204 2.17 -46.86 -11.09
C ASN B 204 1.45 -46.14 -9.93
N ILE B 205 1.37 -44.80 -9.95
CA ILE B 205 0.49 -44.02 -9.06
C ILE B 205 -0.97 -44.47 -9.23
N ASN B 206 -1.47 -44.55 -10.47
CA ASN B 206 -2.85 -45.02 -10.73
C ASN B 206 -3.07 -46.49 -10.31
N LYS B 207 -2.10 -47.39 -10.51
CA LYS B 207 -2.20 -48.79 -10.03
C LYS B 207 -2.35 -48.86 -8.51
N LEU B 208 -1.50 -48.13 -7.79
CA LEU B 208 -1.55 -48.07 -6.32
C LEU B 208 -2.87 -47.44 -5.85
N PHE B 209 -3.29 -46.32 -6.44
CA PHE B 209 -4.56 -45.67 -6.12
C PHE B 209 -5.73 -46.65 -6.30
N ARG B 210 -5.82 -47.35 -7.44
CA ARG B 210 -6.90 -48.32 -7.70
C ARG B 210 -6.92 -49.46 -6.69
N LYS B 211 -5.75 -50.00 -6.32
CA LYS B 211 -5.61 -51.01 -5.25
C LYS B 211 -6.13 -50.49 -3.92
N LEU B 212 -5.63 -49.36 -3.44
CA LEU B 212 -6.00 -48.83 -2.13
C LEU B 212 -7.48 -48.39 -2.08
N ARG B 213 -8.01 -47.86 -3.19
CA ARG B 213 -9.43 -47.48 -3.35
C ARG B 213 -10.36 -48.70 -3.21
N LYS B 214 -9.99 -49.86 -3.75
CA LYS B 214 -10.73 -51.12 -3.51
C LYS B 214 -10.65 -51.60 -2.07
N VAL B 215 -9.46 -51.64 -1.48
CA VAL B 215 -9.25 -52.26 -0.14
C VAL B 215 -9.74 -51.37 1.01
N TYR B 216 -9.42 -50.07 0.99
CA TYR B 216 -9.65 -49.14 2.11
C TYR B 216 -10.73 -48.08 1.85
N LYS B 217 -11.27 -47.99 0.63
CA LYS B 217 -12.27 -46.98 0.21
C LYS B 217 -11.81 -45.51 0.30
N ILE B 218 -10.50 -45.27 0.46
CA ILE B 218 -9.90 -43.92 0.55
C ILE B 218 -10.00 -43.21 -0.82
N THR B 219 -10.35 -41.93 -0.82
CA THR B 219 -10.62 -41.11 -2.02
C THR B 219 -9.34 -40.67 -2.75
N LEU B 220 -8.47 -41.61 -3.11
CA LEU B 220 -7.26 -41.35 -3.89
C LEU B 220 -7.61 -41.09 -5.38
N ASN B 221 -7.98 -39.83 -5.67
CA ASN B 221 -8.11 -39.25 -7.01
C ASN B 221 -7.29 -37.95 -7.07
N GLN B 222 -6.71 -37.60 -8.21
CA GLN B 222 -5.91 -36.37 -8.36
C GLN B 222 -6.72 -35.06 -8.21
N LYS B 223 -8.06 -35.13 -8.13
CA LYS B 223 -8.97 -33.99 -7.92
C LYS B 223 -9.66 -33.94 -6.54
N ASP B 224 -9.37 -34.89 -5.65
CA ASP B 224 -9.99 -35.03 -4.32
C ASP B 224 -8.93 -35.07 -3.21
N TRP B 225 -9.26 -34.68 -1.97
CA TRP B 225 -8.34 -34.84 -0.84
C TRP B 225 -8.21 -36.32 -0.43
N PRO B 226 -7.00 -36.84 -0.14
CA PRO B 226 -5.71 -36.14 -0.12
C PRO B 226 -5.03 -36.06 -1.50
N GLY B 227 -5.44 -36.88 -2.47
CA GLY B 227 -4.74 -37.10 -3.74
C GLY B 227 -4.38 -35.84 -4.53
N LYS B 228 -5.22 -34.80 -4.48
CA LYS B 228 -4.92 -33.48 -5.05
C LYS B 228 -3.68 -32.85 -4.40
N ASN B 229 -3.67 -32.68 -3.08
CA ASN B 229 -2.54 -32.06 -2.38
C ASN B 229 -1.26 -32.90 -2.55
N LEU B 230 -1.37 -34.23 -2.54
CA LEU B 230 -0.25 -35.12 -2.80
C LEU B 230 0.31 -34.92 -4.22
N THR B 231 -0.57 -34.77 -5.22
CA THR B 231 -0.17 -34.54 -6.62
C THR B 231 0.49 -33.18 -6.80
N ASP B 232 -0.01 -32.13 -6.14
CA ASP B 232 0.57 -30.79 -6.21
C ASP B 232 1.99 -30.74 -5.64
N ILE B 233 2.29 -31.51 -4.59
CA ILE B 233 3.64 -31.56 -3.99
C ILE B 233 4.67 -32.23 -4.92
N ALA B 234 4.24 -32.90 -6.00
CA ALA B 234 5.13 -33.45 -7.03
C ALA B 234 5.71 -32.38 -8.01
N LYS B 235 5.34 -31.10 -7.89
CA LYS B 235 5.88 -30.00 -8.70
C LYS B 235 7.41 -29.84 -8.60
N ASN B 236 8.03 -29.27 -9.64
CA ASN B 236 9.47 -28.97 -9.67
C ASN B 236 9.87 -27.80 -8.74
N LYS B 237 9.00 -26.80 -8.59
CA LYS B 237 9.10 -25.70 -7.61
C LYS B 237 7.80 -25.55 -6.82
N LEU B 238 7.91 -25.18 -5.54
CA LEU B 238 6.81 -24.81 -4.65
C LEU B 238 7.14 -23.48 -3.96
N PRO B 239 6.16 -22.57 -3.77
CA PRO B 239 6.41 -21.21 -3.33
C PRO B 239 6.80 -21.11 -1.84
N GLY B 240 7.83 -20.33 -1.53
CA GLY B 240 8.17 -19.96 -0.15
C GLY B 240 8.75 -21.08 0.73
N ARG B 241 8.52 -20.93 2.04
CA ARG B 241 9.32 -21.52 3.12
C ARG B 241 8.45 -21.95 4.31
N LEU B 242 8.86 -22.96 5.08
CA LEU B 242 8.09 -23.46 6.23
C LEU B 242 8.05 -22.48 7.44
N PRO B 243 7.01 -22.55 8.31
CA PRO B 243 6.94 -21.84 9.58
C PRO B 243 7.74 -22.52 10.72
N PHE B 244 8.09 -23.79 10.55
CA PHE B 244 8.84 -24.60 11.53
C PHE B 244 10.09 -25.22 10.88
N CYS B 245 11.15 -25.44 11.67
CA CYS B 245 12.30 -26.25 11.27
C CYS B 245 11.94 -27.75 11.25
N LYS B 246 12.78 -28.59 10.62
CA LYS B 246 12.54 -30.03 10.44
C LYS B 246 12.27 -30.76 11.76
N GLU B 247 12.95 -30.34 12.82
CA GLU B 247 12.80 -30.88 14.19
C GLU B 247 11.39 -30.68 14.79
N HIS B 248 10.64 -29.68 14.30
CA HIS B 248 9.35 -29.27 14.84
C HIS B 248 8.19 -29.36 13.85
N PHE B 249 8.44 -29.35 12.54
CA PHE B 249 7.41 -29.64 11.53
C PHE B 249 6.88 -31.08 11.66
N ALA B 250 7.65 -31.97 12.28
CA ALA B 250 7.19 -33.30 12.68
C ALA B 250 6.05 -33.31 13.73
N GLU B 251 5.77 -32.21 14.44
CA GLU B 251 4.82 -32.18 15.56
C GLU B 251 3.80 -31.01 15.44
N ASN B 252 2.52 -31.31 15.68
CA ASN B 252 1.41 -30.43 15.27
C ASN B 252 1.03 -29.35 16.30
N GLU B 253 1.09 -29.66 17.60
CA GLU B 253 0.39 -28.94 18.66
C GLU B 253 1.09 -27.69 19.23
N LYS B 254 2.25 -27.25 18.72
CA LYS B 254 3.09 -26.26 19.43
C LYS B 254 2.41 -24.91 19.67
N PHE B 255 1.46 -24.50 18.82
CA PHE B 255 0.63 -23.30 18.99
C PHE B 255 -0.11 -23.23 20.34
N THR B 256 -0.35 -24.37 20.99
CA THR B 256 -0.95 -24.46 22.34
C THR B 256 -0.02 -23.99 23.47
N THR B 257 1.29 -23.95 23.24
CA THR B 257 2.32 -23.98 24.31
C THR B 257 3.49 -23.02 24.10
N ILE B 258 3.94 -22.80 22.86
CA ILE B 258 5.09 -21.92 22.52
C ILE B 258 4.94 -21.30 21.12
N GLU B 259 5.08 -19.98 21.02
CA GLU B 259 5.08 -19.23 19.76
C GLU B 259 5.96 -17.97 19.80
N LYS B 260 6.47 -17.57 18.62
CA LYS B 260 7.07 -16.26 18.31
C LYS B 260 6.73 -15.90 16.86
N SER B 261 5.69 -15.09 16.65
CA SER B 261 5.06 -14.90 15.33
C SER B 261 5.96 -14.29 14.25
N THR B 262 6.99 -13.52 14.62
CA THR B 262 8.03 -13.00 13.70
C THR B 262 7.43 -12.15 12.55
N PHE B 263 6.52 -11.24 12.92
CA PHE B 263 5.65 -10.46 12.03
C PHE B 263 6.36 -9.39 11.18
N ARG B 264 5.82 -9.10 9.99
CA ARG B 264 6.27 -8.05 9.05
C ARG B 264 5.10 -7.37 8.33
N LEU B 265 5.32 -6.15 7.87
CA LEU B 265 4.41 -5.38 7.01
C LEU B 265 5.22 -4.48 6.08
N THR B 266 4.66 -4.12 4.93
CA THR B 266 5.22 -3.09 4.05
C THR B 266 5.25 -1.74 4.75
N PRO B 267 6.08 -0.78 4.29
CA PRO B 267 6.01 0.61 4.73
C PRO B 267 4.60 1.20 4.64
N THR B 268 3.88 0.93 3.54
CA THR B 268 2.49 1.36 3.36
C THR B 268 1.54 0.80 4.43
N ALA B 269 1.62 -0.48 4.77
CA ALA B 269 0.79 -1.04 5.84
C ALA B 269 1.26 -0.61 7.24
N THR B 270 2.56 -0.42 7.44
CA THR B 270 3.13 0.02 8.72
C THR B 270 2.70 1.42 9.08
N GLN B 271 2.73 2.35 8.14
CA GLN B 271 2.28 3.72 8.34
C GLN B 271 0.79 3.81 8.67
N LEU B 272 -0.03 2.95 8.07
CA LEU B 272 -1.47 2.94 8.36
C LEU B 272 -1.75 2.32 9.74
N LEU B 273 -1.10 1.22 10.13
CA LEU B 273 -1.19 0.68 11.48
C LEU B 273 -0.79 1.71 12.54
N ARG B 274 0.34 2.41 12.32
CA ARG B 274 0.76 3.53 13.16
C ARG B 274 -0.30 4.63 13.24
N THR B 275 -0.89 5.02 12.11
CA THR B 275 -1.91 6.06 12.06
C THR B 275 -3.12 5.69 12.93
N HIS B 276 -3.62 4.45 12.85
CA HIS B 276 -4.73 4.01 13.70
C HIS B 276 -4.42 4.13 15.19
N ILE B 277 -3.23 3.70 15.62
CA ILE B 277 -2.80 3.77 17.02
C ILE B 277 -2.56 5.23 17.45
N ASN B 278 -1.99 6.07 16.59
CA ASN B 278 -1.67 7.46 16.93
C ASN B 278 -2.91 8.34 17.07
N LEU B 279 -4.02 8.04 16.38
CA LEU B 279 -5.30 8.73 16.61
C LEU B 279 -5.84 8.50 18.03
N PHE B 280 -5.72 7.29 18.59
CA PHE B 280 -6.07 7.05 19.98
C PHE B 280 -5.19 7.86 20.95
N ARG B 281 -3.88 7.93 20.69
CA ARG B 281 -2.96 8.69 21.54
C ARG B 281 -3.20 10.20 21.48
N LYS B 282 -3.47 10.76 20.31
CA LYS B 282 -3.77 12.19 20.14
C LYS B 282 -5.06 12.60 20.85
N LEU B 283 -6.15 11.86 20.67
CA LEU B 283 -7.42 12.17 21.34
C LEU B 283 -7.41 11.88 22.84
N SER B 284 -6.57 10.96 23.32
CA SER B 284 -6.29 10.80 24.76
C SER B 284 -5.57 12.00 25.40
N GLY B 285 -5.10 12.97 24.61
CA GLY B 285 -4.55 14.23 25.10
C GLY B 285 -5.58 15.31 25.39
N ILE B 286 -6.84 15.12 25.01
CA ILE B 286 -7.94 16.09 25.25
C ILE B 286 -9.16 15.49 25.97
N LEU B 287 -9.23 14.16 26.13
CA LEU B 287 -10.30 13.45 26.83
C LEU B 287 -9.73 12.45 27.84
N PRO B 288 -10.38 12.23 29.00
CA PRO B 288 -9.98 11.23 29.99
C PRO B 288 -10.39 9.81 29.59
N VAL B 289 -9.85 9.30 28.49
CA VAL B 289 -10.24 8.03 27.86
C VAL B 289 -9.91 6.83 28.75
N THR B 290 -10.90 6.01 29.04
CA THR B 290 -10.77 4.80 29.86
C THR B 290 -10.89 3.52 29.05
N ASP B 291 -11.55 3.53 27.89
CA ASP B 291 -11.84 2.33 27.10
C ASP B 291 -11.75 2.59 25.58
N VAL B 292 -11.51 1.53 24.81
CA VAL B 292 -11.31 1.59 23.35
C VAL B 292 -12.19 0.57 22.63
N ALA B 293 -12.79 0.98 21.51
CA ALA B 293 -13.63 0.14 20.67
C ALA B 293 -13.24 0.22 19.20
N VAL B 294 -13.23 -0.91 18.48
CA VAL B 294 -12.84 -1.00 17.06
C VAL B 294 -13.79 -1.90 16.26
N GLU B 295 -13.84 -1.73 14.94
CA GLU B 295 -14.58 -2.58 14.00
C GLU B 295 -13.63 -3.49 13.22
N LEU B 296 -13.86 -4.81 13.24
CA LEU B 296 -13.16 -5.75 12.36
C LEU B 296 -13.63 -5.59 10.92
N ASN B 297 -12.72 -5.24 10.02
CA ASN B 297 -12.95 -5.28 8.57
C ASN B 297 -12.18 -6.46 7.95
N LYS B 298 -12.88 -7.30 7.18
CA LYS B 298 -12.36 -8.53 6.55
C LYS B 298 -12.92 -8.67 5.14
N PHE B 299 -12.10 -8.42 4.13
CA PHE B 299 -12.50 -8.39 2.72
C PHE B 299 -12.03 -9.64 1.97
N ALA B 300 -12.93 -10.30 1.24
CA ALA B 300 -12.59 -11.31 0.25
C ALA B 300 -12.75 -10.70 -1.15
N PHE B 301 -11.65 -10.51 -1.87
CA PHE B 301 -11.64 -9.61 -3.04
C PHE B 301 -12.43 -10.13 -4.23
N MET B 302 -12.48 -11.44 -4.48
CA MET B 302 -13.33 -11.97 -5.55
C MET B 302 -14.83 -11.99 -5.22
N GLN B 303 -15.23 -11.68 -3.97
CA GLN B 303 -16.61 -11.30 -3.67
C GLN B 303 -16.89 -9.83 -3.98
N LEU B 304 -15.96 -8.92 -3.69
CA LEU B 304 -16.10 -7.51 -4.08
C LEU B 304 -16.17 -7.34 -5.61
N ASP B 305 -15.49 -8.21 -6.35
CA ASP B 305 -15.51 -8.28 -7.81
C ASP B 305 -16.75 -9.01 -8.39
N ASN B 306 -17.52 -9.72 -7.56
CA ASN B 306 -18.74 -10.43 -7.94
C ASN B 306 -19.89 -10.18 -6.94
N PRO B 307 -20.33 -8.94 -6.71
CA PRO B 307 -21.19 -8.60 -5.57
C PRO B 307 -22.65 -9.08 -5.73
N GLU B 308 -23.12 -9.34 -6.95
CA GLU B 308 -24.47 -9.87 -7.21
C GLU B 308 -24.59 -11.38 -6.91
N MET B 309 -23.49 -12.13 -7.04
CA MET B 309 -23.41 -13.56 -6.76
C MET B 309 -23.35 -13.84 -5.26
N LYS B 310 -24.01 -14.91 -4.83
CA LYS B 310 -24.09 -15.27 -3.40
C LYS B 310 -22.83 -16.03 -3.00
N LYS B 311 -22.46 -15.99 -1.73
CA LYS B 311 -21.12 -16.38 -1.26
C LYS B 311 -20.70 -17.79 -1.70
N ARG B 312 -21.57 -18.81 -1.61
CA ARG B 312 -21.21 -20.21 -1.94
C ARG B 312 -21.43 -20.61 -3.39
N GLU B 313 -21.63 -19.64 -4.30
CA GLU B 313 -21.53 -19.84 -5.75
C GLU B 313 -20.29 -19.13 -6.35
N ILE B 314 -19.32 -18.74 -5.52
CA ILE B 314 -18.02 -18.16 -5.92
C ILE B 314 -16.92 -19.21 -5.80
N ASP B 315 -16.15 -19.40 -6.86
CA ASP B 315 -15.05 -20.37 -6.92
C ASP B 315 -13.73 -19.79 -6.39
N PHE B 316 -13.66 -19.50 -5.09
CA PHE B 316 -12.49 -18.92 -4.43
C PHE B 316 -11.20 -19.70 -4.69
N CYS B 317 -11.28 -21.02 -4.82
CA CYS B 317 -10.15 -21.90 -5.06
C CYS B 317 -9.58 -21.81 -6.49
N HIS B 318 -10.30 -21.24 -7.45
CA HIS B 318 -9.96 -21.38 -8.87
C HIS B 318 -9.53 -20.09 -9.56
N GLY B 319 -10.39 -19.09 -9.71
CA GLY B 319 -9.99 -17.81 -10.31
C GLY B 319 -9.40 -17.91 -11.72
N PRO B 320 -8.82 -16.82 -12.26
CA PRO B 320 -8.24 -16.82 -13.60
C PRO B 320 -6.88 -17.53 -13.72
N LEU B 321 -6.11 -17.75 -12.66
CA LEU B 321 -4.77 -18.39 -12.76
C LEU B 321 -4.64 -19.85 -12.27
N CYS B 322 -5.67 -20.53 -11.74
CA CYS B 322 -5.51 -21.91 -11.24
C CYS B 322 -4.86 -22.87 -12.25
N GLY B 323 -3.71 -23.42 -11.87
CA GLY B 323 -2.95 -24.39 -12.67
C GLY B 323 -2.34 -23.82 -13.96
N THR B 324 -2.46 -22.52 -14.23
CA THR B 324 -1.96 -21.88 -15.46
C THR B 324 -0.45 -21.69 -15.49
N GLY B 325 0.23 -21.82 -14.34
CA GLY B 325 1.67 -21.63 -14.23
C GLY B 325 2.12 -20.20 -13.98
N GLY B 326 1.21 -19.31 -13.59
CA GLY B 326 1.49 -17.90 -13.30
C GLY B 326 1.04 -16.95 -14.41
N LEU B 327 1.08 -15.64 -14.11
CA LEU B 327 0.51 -14.56 -14.93
C LEU B 327 1.03 -14.57 -16.38
N GLU B 328 2.34 -14.68 -16.55
CA GLU B 328 3.00 -14.57 -17.85
C GLU B 328 2.75 -15.81 -18.74
N ALA B 329 2.60 -16.99 -18.13
CA ALA B 329 2.19 -18.20 -18.81
C ALA B 329 0.69 -18.16 -19.20
N ALA B 330 -0.18 -17.66 -18.33
CA ALA B 330 -1.60 -17.51 -18.62
C ALA B 330 -1.87 -16.53 -19.77
N VAL B 331 -1.16 -15.41 -19.83
CA VAL B 331 -1.21 -14.48 -20.97
C VAL B 331 -0.69 -15.14 -22.25
N LYS B 332 0.40 -15.92 -22.18
CA LYS B 332 0.96 -16.63 -23.32
C LYS B 332 -0.01 -17.67 -23.88
N GLU B 333 -0.73 -18.39 -23.03
CA GLU B 333 -1.81 -19.30 -23.45
C GLU B 333 -3.01 -18.53 -24.04
N GLN B 334 -3.46 -17.47 -23.38
CA GLN B 334 -4.57 -16.60 -23.82
C GLN B 334 -4.35 -15.94 -25.19
N GLN B 335 -3.10 -15.76 -25.62
CA GLN B 335 -2.73 -15.14 -26.90
C GLN B 335 -2.20 -16.11 -27.97
N ASP B 336 -2.29 -17.43 -27.77
CA ASP B 336 -1.69 -18.44 -28.66
C ASP B 336 -0.17 -18.24 -28.87
N GLY B 337 0.52 -17.64 -27.89
CA GLY B 337 1.95 -17.39 -27.90
C GLY B 337 2.45 -16.23 -28.76
N LYS B 338 1.58 -15.47 -29.43
CA LYS B 338 1.96 -14.39 -30.34
C LYS B 338 1.75 -12.99 -29.76
N CYS B 339 2.45 -12.00 -30.33
CA CYS B 339 2.28 -10.58 -30.04
C CYS B 339 0.91 -10.05 -30.47
N LEU B 340 0.19 -9.38 -29.57
CA LEU B 340 -1.23 -9.09 -29.73
C LEU B 340 -1.55 -8.14 -30.87
N LEU B 341 -0.73 -7.11 -31.10
CA LEU B 341 -0.96 -6.12 -32.18
C LEU B 341 -0.76 -6.61 -33.61
N CYS B 342 -0.03 -7.70 -33.83
CA CYS B 342 0.37 -8.08 -35.19
C CYS B 342 0.41 -9.58 -35.49
N GLY B 343 0.33 -10.47 -34.51
CA GLY B 343 0.06 -11.89 -34.74
C GLY B 343 1.11 -12.62 -35.59
N LYS B 344 2.39 -12.24 -35.49
CA LYS B 344 3.51 -12.82 -36.25
C LYS B 344 4.69 -13.18 -35.36
N GLU B 345 5.30 -12.19 -34.72
CA GLU B 345 6.37 -12.38 -33.73
C GLU B 345 5.83 -12.94 -32.41
N SER B 346 6.67 -13.69 -31.67
CA SER B 346 6.39 -14.20 -30.33
C SER B 346 6.45 -13.11 -29.25
N ILE B 347 5.98 -13.41 -28.04
CA ILE B 347 5.95 -12.45 -26.92
C ILE B 347 7.37 -12.18 -26.42
N GLY B 348 7.72 -10.90 -26.25
CA GLY B 348 8.97 -10.46 -25.65
C GLY B 348 8.76 -9.85 -24.27
N HIS B 349 7.91 -8.82 -24.20
CA HIS B 349 7.61 -8.06 -22.99
C HIS B 349 6.13 -8.21 -22.61
N TYR B 350 5.84 -8.37 -21.33
CA TYR B 350 4.48 -8.37 -20.81
C TYR B 350 4.05 -6.95 -20.44
N HIS B 351 3.30 -6.31 -21.33
CA HIS B 351 2.89 -4.93 -21.30
C HIS B 351 1.71 -4.66 -20.36
N HIS B 352 1.87 -3.80 -19.35
CA HIS B 352 0.75 -3.20 -18.62
C HIS B 352 0.04 -2.14 -19.47
N ILE B 353 -1.18 -2.41 -19.91
CA ILE B 353 -1.96 -1.59 -20.86
C ILE B 353 -2.24 -0.21 -20.28
N VAL B 354 -2.81 -0.13 -19.08
CA VAL B 354 -2.73 1.06 -18.23
C VAL B 354 -1.37 1.02 -17.52
N PRO B 355 -0.45 1.97 -17.72
CA PRO B 355 0.91 1.90 -17.21
C PRO B 355 1.04 1.85 -15.68
N ARG B 356 2.14 1.29 -15.18
CA ARG B 356 2.43 1.18 -13.73
C ARG B 356 2.56 2.55 -13.06
N SER B 357 3.06 3.54 -13.81
CA SER B 357 3.12 4.95 -13.41
C SER B 357 1.76 5.66 -13.38
N ARG B 358 0.72 5.12 -14.03
CA ARG B 358 -0.61 5.74 -14.23
C ARG B 358 -1.73 4.95 -13.54
N ARG B 359 -1.45 4.44 -12.34
CA ARG B 359 -2.33 3.64 -11.47
C ARG B 359 -2.79 2.29 -12.03
N GLY B 360 -2.10 1.77 -13.04
CA GLY B 360 -2.42 0.48 -13.66
C GLY B 360 -2.29 -0.72 -12.74
N SER B 361 -3.16 -1.71 -12.90
CA SER B 361 -3.13 -2.98 -12.14
C SER B 361 -2.02 -3.93 -12.59
N ASN B 362 -1.52 -4.79 -11.70
CA ASN B 362 -0.65 -5.91 -12.06
C ASN B 362 -1.43 -7.19 -12.44
N THR B 363 -2.75 -7.22 -12.29
CA THR B 363 -3.59 -8.39 -12.57
C THR B 363 -3.74 -8.67 -14.07
N ILE B 364 -4.09 -9.91 -14.44
CA ILE B 364 -4.14 -10.40 -15.82
C ILE B 364 -5.06 -9.61 -16.76
N ALA B 365 -6.07 -8.93 -16.24
CA ALA B 365 -6.90 -8.02 -17.01
C ALA B 365 -6.13 -6.82 -17.59
N ASN B 366 -4.99 -6.42 -17.01
CA ASN B 366 -4.18 -5.28 -17.47
C ASN B 366 -2.95 -5.65 -18.29
N ILE B 367 -2.69 -6.94 -18.57
CA ILE B 367 -1.48 -7.39 -19.28
C ILE B 367 -1.78 -7.81 -20.73
N ALA B 368 -0.94 -7.39 -21.67
CA ALA B 368 -0.87 -7.92 -23.03
C ALA B 368 0.57 -8.30 -23.40
N GLY B 369 0.78 -9.45 -24.02
CA GLY B 369 2.11 -9.85 -24.49
C GLY B 369 2.44 -9.20 -25.82
N LEU B 370 3.56 -8.48 -25.91
CA LEU B 370 4.02 -7.80 -27.12
C LEU B 370 5.48 -8.11 -27.42
N CYS B 371 5.87 -8.03 -28.68
CA CYS B 371 7.28 -8.02 -29.09
C CYS B 371 7.93 -6.66 -28.77
N PRO B 372 9.26 -6.57 -28.57
CA PRO B 372 9.92 -5.32 -28.19
C PRO B 372 9.66 -4.16 -29.16
N LYS B 373 9.56 -4.46 -30.47
CA LYS B 373 9.27 -3.49 -31.53
C LYS B 373 7.92 -2.81 -31.35
N CYS B 374 6.86 -3.59 -31.14
CA CYS B 374 5.53 -3.05 -30.86
C CYS B 374 5.46 -2.40 -29.47
N HIS B 375 6.11 -2.96 -28.45
CA HIS B 375 6.13 -2.35 -27.12
C HIS B 375 6.72 -0.92 -27.15
N GLU B 376 7.78 -0.69 -27.93
CA GLU B 376 8.30 0.66 -28.17
C GLU B 376 7.29 1.59 -28.87
N LEU B 377 6.64 1.17 -29.96
CA LEU B 377 5.63 2.01 -30.61
C LEU B 377 4.45 2.36 -29.69
N VAL B 378 3.94 1.39 -28.91
CA VAL B 378 2.82 1.62 -27.99
C VAL B 378 3.13 2.68 -26.93
N HIS B 379 4.41 2.90 -26.63
CA HIS B 379 4.87 3.99 -25.75
C HIS B 379 5.18 5.31 -26.48
N LYS B 380 5.64 5.27 -27.74
CA LYS B 380 6.06 6.45 -28.53
C LYS B 380 5.05 6.97 -29.58
N ASP B 381 3.93 6.29 -29.82
CA ASP B 381 3.00 6.58 -30.93
C ASP B 381 1.52 6.32 -30.53
N ALA B 382 0.76 7.41 -30.41
CA ALA B 382 -0.62 7.39 -29.93
C ALA B 382 -1.61 6.58 -30.80
N ASP B 383 -1.36 6.44 -32.11
CA ASP B 383 -2.26 5.67 -32.98
C ASP B 383 -2.12 4.16 -32.72
N THR B 384 -0.89 3.69 -32.49
CA THR B 384 -0.65 2.30 -32.09
C THR B 384 -1.16 2.04 -30.66
N ALA B 385 -1.05 3.03 -29.78
CA ALA B 385 -1.59 2.93 -28.42
C ALA B 385 -3.11 2.75 -28.43
N GLU B 386 -3.85 3.58 -29.16
CA GLU B 386 -5.31 3.42 -29.26
C GLU B 386 -5.69 2.08 -29.90
N SER B 387 -4.95 1.64 -30.92
CA SER B 387 -5.18 0.35 -31.58
C SER B 387 -5.06 -0.85 -30.63
N LEU B 388 -4.20 -0.80 -29.62
CA LEU B 388 -4.12 -1.84 -28.60
C LEU B 388 -5.34 -1.83 -27.67
N THR B 389 -5.84 -0.64 -27.29
CA THR B 389 -6.99 -0.53 -26.38
C THR B 389 -8.29 -1.07 -26.95
N GLU B 390 -8.46 -1.12 -28.28
CA GLU B 390 -9.60 -1.80 -28.89
C GLU B 390 -9.58 -3.31 -28.73
N MET B 391 -8.40 -3.94 -28.60
CA MET B 391 -8.27 -5.39 -28.43
C MET B 391 -8.45 -5.83 -26.97
N LYS B 392 -7.93 -5.05 -26.03
CA LYS B 392 -8.03 -5.30 -24.58
C LYS B 392 -7.99 -3.98 -23.82
N THR B 393 -8.99 -3.70 -23.00
CA THR B 393 -9.20 -2.35 -22.41
C THR B 393 -8.21 -2.01 -21.29
N GLY B 394 -7.85 -2.98 -20.46
CA GLY B 394 -7.00 -2.78 -19.28
C GLY B 394 -7.75 -2.24 -18.06
N LEU B 395 -7.09 -2.23 -16.90
CA LEU B 395 -7.65 -1.79 -15.62
C LEU B 395 -6.64 -1.00 -14.77
N MET B 396 -7.15 -0.01 -14.03
CA MET B 396 -6.48 0.57 -12.88
C MET B 396 -6.62 -0.32 -11.64
N LYS B 397 -5.78 -0.10 -10.62
CA LYS B 397 -5.85 -0.80 -9.33
C LYS B 397 -7.21 -0.60 -8.68
N LYS B 398 -8.01 -1.66 -8.57
CA LYS B 398 -9.35 -1.62 -7.97
C LYS B 398 -9.28 -1.62 -6.45
N TYR B 399 -8.40 -2.42 -5.85
CA TYR B 399 -8.48 -2.78 -4.44
C TYR B 399 -7.18 -2.53 -3.67
N GLY B 400 -6.29 -1.71 -4.22
CA GLY B 400 -5.05 -1.31 -3.58
C GLY B 400 -5.26 -0.85 -2.14
N GLY B 401 -6.20 0.07 -1.93
CA GLY B 401 -6.43 0.65 -0.61
C GLY B 401 -6.97 -0.30 0.44
N THR B 402 -8.07 -0.99 0.17
CA THR B 402 -8.60 -1.99 1.11
C THR B 402 -7.74 -3.21 1.30
N SER B 403 -6.82 -3.56 0.41
CA SER B 403 -5.82 -4.58 0.73
C SER B 403 -4.92 -4.18 1.91
N VAL B 404 -4.52 -2.92 1.99
CA VAL B 404 -3.68 -2.43 3.08
C VAL B 404 -4.46 -2.37 4.39
N LEU B 405 -5.72 -1.94 4.35
CA LEU B 405 -6.61 -2.02 5.51
C LEU B 405 -6.81 -3.46 5.99
N ASN B 406 -7.09 -4.38 5.07
CA ASN B 406 -7.29 -5.80 5.37
C ASN B 406 -6.08 -6.41 6.09
N GLN B 407 -4.86 -5.99 5.73
CA GLN B 407 -3.61 -6.46 6.34
C GLN B 407 -3.42 -6.04 7.80
N ILE B 408 -3.92 -4.87 8.18
CA ILE B 408 -3.60 -4.20 9.46
C ILE B 408 -4.48 -4.64 10.62
N ILE B 409 -5.74 -4.93 10.36
CA ILE B 409 -6.76 -5.12 11.41
C ILE B 409 -6.33 -6.15 12.48
N PRO B 410 -5.79 -7.34 12.15
CA PRO B 410 -5.33 -8.29 13.16
C PRO B 410 -4.28 -7.73 14.11
N LYS B 411 -3.30 -6.97 13.60
CA LYS B 411 -2.24 -6.39 14.42
C LYS B 411 -2.72 -5.18 15.22
N LEU B 412 -3.66 -4.41 14.67
CA LEU B 412 -4.33 -3.32 15.37
C LEU B 412 -5.09 -3.82 16.61
N VAL B 413 -5.87 -4.88 16.48
CA VAL B 413 -6.61 -5.50 17.58
C VAL B 413 -5.65 -5.98 18.68
N GLU B 414 -4.57 -6.69 18.33
CA GLU B 414 -3.59 -7.15 19.32
C GLU B 414 -2.91 -5.98 20.03
N THR B 415 -2.51 -4.95 19.31
CA THR B 415 -1.84 -3.78 19.87
C THR B 415 -2.74 -2.97 20.81
N LEU B 416 -4.02 -2.78 20.50
CA LEU B 416 -4.94 -2.08 21.39
C LEU B 416 -5.36 -2.93 22.60
N ALA B 417 -5.47 -4.25 22.46
CA ALA B 417 -5.67 -5.13 23.61
C ALA B 417 -4.50 -5.07 24.61
N ASP B 418 -3.26 -4.92 24.14
CA ASP B 418 -2.10 -4.69 25.01
C ASP B 418 -2.04 -3.27 25.60
N LEU B 419 -2.45 -2.23 24.86
CA LEU B 419 -2.44 -0.85 25.34
C LEU B 419 -3.56 -0.52 26.34
N PHE B 420 -4.70 -1.22 26.27
CA PHE B 420 -5.85 -1.01 27.14
C PHE B 420 -6.37 -2.33 27.75
N PRO B 421 -5.59 -3.03 28.58
CA PRO B 421 -5.97 -4.34 29.11
C PRO B 421 -7.31 -4.32 29.84
N GLY B 422 -8.20 -5.24 29.52
CA GLY B 422 -9.54 -5.34 30.11
C GLY B 422 -10.50 -4.22 29.72
N HIS B 423 -10.04 -3.24 28.94
CA HIS B 423 -10.78 -2.05 28.52
C HIS B 423 -10.82 -1.90 26.98
N PHE B 424 -10.66 -3.00 26.25
CA PHE B 424 -10.68 -3.06 24.79
C PHE B 424 -11.83 -3.93 24.27
N HIS B 425 -12.54 -3.46 23.23
CA HIS B 425 -13.76 -4.09 22.70
C HIS B 425 -13.79 -4.13 21.16
N VAL B 426 -14.49 -5.12 20.60
CA VAL B 426 -14.55 -5.42 19.16
C VAL B 426 -15.98 -5.51 18.66
N THR B 427 -16.19 -5.12 17.41
CA THR B 427 -17.45 -5.15 16.66
C THR B 427 -17.22 -5.66 15.24
N ASN B 428 -18.26 -6.07 14.55
CA ASN B 428 -18.24 -6.42 13.12
C ASN B 428 -19.15 -5.46 12.35
N GLY B 429 -18.89 -5.23 11.07
CA GLY B 429 -19.55 -4.16 10.30
C GLY B 429 -21.08 -4.23 10.30
N TRP B 430 -21.64 -5.45 10.35
CA TRP B 430 -23.09 -5.63 10.42
C TRP B 430 -23.71 -5.14 11.74
N ASN B 431 -22.96 -5.12 12.85
CA ASN B 431 -23.42 -4.51 14.09
C ASN B 431 -23.56 -3.00 13.96
N THR B 432 -22.57 -2.34 13.33
CA THR B 432 -22.62 -0.92 13.00
C THR B 432 -23.85 -0.59 12.15
N LYS B 433 -24.14 -1.40 11.12
CA LYS B 433 -25.35 -1.25 10.28
C LYS B 433 -26.64 -1.40 11.08
N GLU B 434 -26.78 -2.43 11.91
CA GLU B 434 -27.96 -2.62 12.75
C GLU B 434 -28.21 -1.41 13.63
N PHE B 435 -27.17 -0.91 14.30
CA PHE B 435 -27.28 0.22 15.20
C PHE B 435 -27.69 1.49 14.46
N ARG B 436 -27.07 1.75 13.31
CA ARG B 436 -27.35 2.91 12.45
C ARG B 436 -28.81 2.93 12.01
N GLU B 437 -29.35 1.79 11.58
CA GLU B 437 -30.76 1.65 11.19
C GLU B 437 -31.72 1.79 12.38
N LYS B 438 -31.42 1.11 13.50
CA LYS B 438 -32.24 1.11 14.72
C LYS B 438 -32.46 2.50 15.32
N HIS B 439 -31.51 3.41 15.10
CA HIS B 439 -31.50 4.75 15.67
C HIS B 439 -31.61 5.88 14.63
N HIS B 440 -31.95 5.56 13.39
CA HIS B 440 -32.19 6.51 12.29
C HIS B 440 -31.00 7.42 11.97
N LEU B 441 -29.77 6.94 12.21
CA LEU B 441 -28.53 7.60 11.83
C LEU B 441 -28.24 7.40 10.33
N GLU B 442 -27.34 8.19 9.75
CA GLU B 442 -26.92 8.11 8.34
C GLU B 442 -25.41 7.84 8.22
N LYS B 443 -25.00 7.11 7.20
CA LYS B 443 -23.64 6.53 7.10
C LYS B 443 -22.58 7.57 6.80
N ASP B 444 -21.68 7.80 7.76
CA ASP B 444 -20.36 8.40 7.57
C ASP B 444 -19.43 7.98 8.72
N HIS B 445 -18.14 8.17 8.56
CA HIS B 445 -17.09 7.62 9.39
C HIS B 445 -17.20 7.98 10.86
N ASP B 446 -17.44 9.25 11.17
CA ASP B 446 -17.58 9.73 12.54
C ASP B 446 -18.88 9.24 13.19
N VAL B 447 -19.94 9.03 12.41
CA VAL B 447 -21.19 8.44 12.89
C VAL B 447 -21.03 6.96 13.14
N ASP B 448 -20.39 6.22 12.23
CA ASP B 448 -20.05 4.81 12.46
C ASP B 448 -19.17 4.64 13.69
N ALA B 449 -18.20 5.53 13.90
CA ALA B 449 -17.37 5.50 15.10
C ALA B 449 -18.17 5.68 16.39
N TYR B 450 -19.22 6.52 16.38
CA TYR B 450 -20.16 6.62 17.49
C TYR B 450 -20.90 5.31 17.75
N CYS B 451 -21.38 4.66 16.69
CA CYS B 451 -22.04 3.34 16.78
C CYS B 451 -21.10 2.26 17.32
N ILE B 452 -19.82 2.31 16.96
CA ILE B 452 -18.78 1.39 17.41
C ILE B 452 -18.48 1.59 18.90
N ALA B 453 -18.36 2.82 19.38
CA ALA B 453 -18.23 3.10 20.82
C ALA B 453 -19.45 2.60 21.62
N CYS B 454 -20.66 2.71 21.07
CA CYS B 454 -21.89 2.30 21.72
C CYS B 454 -22.12 0.77 21.74
N SER B 455 -21.23 -0.04 21.17
CA SER B 455 -21.32 -1.51 21.27
C SER B 455 -21.07 -2.02 22.69
N HIS B 456 -20.05 -1.48 23.35
CA HIS B 456 -19.68 -1.72 24.74
C HIS B 456 -20.72 -1.16 25.70
N LEU B 457 -21.24 0.03 25.41
CA LEU B 457 -22.11 0.79 26.28
C LEU B 457 -23.58 0.36 26.18
N LYS B 458 -24.40 0.93 27.06
CA LYS B 458 -25.87 0.81 27.05
C LYS B 458 -26.44 2.24 27.04
N PRO B 459 -26.40 2.93 25.88
CA PRO B 459 -26.70 4.35 25.82
C PRO B 459 -28.15 4.64 26.20
N GLU B 460 -28.36 5.59 27.11
CA GLU B 460 -29.71 5.96 27.56
C GLU B 460 -30.48 6.71 26.48
N GLU B 461 -29.77 7.56 25.73
CA GLU B 461 -30.22 8.16 24.47
C GLU B 461 -29.08 8.15 23.45
N THR B 462 -29.41 7.89 22.19
CA THR B 462 -28.45 7.63 21.09
C THR B 462 -28.34 8.80 20.11
N LEU B 463 -28.50 10.03 20.60
CA LEU B 463 -28.37 11.23 19.79
C LEU B 463 -26.91 11.44 19.34
N VAL B 464 -26.76 11.99 18.13
CA VAL B 464 -25.50 12.40 17.51
C VAL B 464 -25.58 13.91 17.30
N GLU B 465 -24.66 14.69 17.86
CA GLU B 465 -24.94 16.11 18.20
C GLU B 465 -23.97 17.16 17.62
N THR B 466 -22.66 16.99 17.77
CA THR B 466 -21.67 18.04 17.44
C THR B 466 -21.40 18.21 15.94
N GLU B 467 -20.88 19.36 15.54
CA GLU B 467 -20.20 19.49 14.23
C GLU B 467 -18.87 18.73 14.31
N PRO B 468 -18.63 17.69 13.49
CA PRO B 468 -17.45 16.86 13.63
C PRO B 468 -16.17 17.62 13.26
N PHE B 469 -15.05 17.28 13.87
CA PHE B 469 -13.74 17.83 13.54
C PHE B 469 -13.11 17.16 12.33
N GLU B 470 -12.29 17.90 11.59
CA GLU B 470 -11.51 17.38 10.46
C GLU B 470 -10.02 17.36 10.80
N ILE B 471 -9.38 16.19 10.69
CA ILE B 471 -7.94 15.98 10.88
C ILE B 471 -7.33 15.62 9.51
N LEU B 472 -6.35 16.37 9.04
CA LEU B 472 -5.46 15.94 7.97
C LEU B 472 -4.22 15.25 8.51
N GLN B 473 -3.58 14.45 7.67
CA GLN B 473 -2.27 13.89 7.91
C GLN B 473 -1.25 14.41 6.90
N PHE B 474 -0.04 14.71 7.37
CA PHE B 474 1.07 15.23 6.55
C PHE B 474 2.35 14.40 6.75
N ARG B 475 3.23 14.34 5.75
CA ARG B 475 4.55 13.69 5.84
C ARG B 475 5.36 14.25 7.00
N LYS B 476 6.08 13.43 7.77
CA LYS B 476 7.09 13.97 8.69
C LYS B 476 8.49 14.16 8.12
N HIS B 477 8.80 13.54 6.99
CA HIS B 477 10.09 13.65 6.32
C HIS B 477 9.91 13.78 4.82
N ASN B 478 10.86 14.41 4.15
CA ASN B 478 11.03 14.41 2.70
C ASN B 478 12.52 14.59 2.41
N ARG B 479 13.22 13.49 2.11
CA ARG B 479 14.68 13.47 1.91
C ARG B 479 15.11 13.86 0.49
N ALA B 480 14.20 14.08 -0.45
CA ALA B 480 14.55 14.33 -1.84
C ALA B 480 15.21 15.70 -2.05
N ILE B 481 16.43 15.74 -2.59
CA ILE B 481 17.14 16.97 -2.95
C ILE B 481 16.60 17.56 -4.26
N ILE B 482 16.39 16.76 -5.31
CA ILE B 482 15.70 17.21 -6.52
C ILE B 482 14.19 17.20 -6.28
N HIS B 483 13.53 18.33 -6.49
CA HIS B 483 12.08 18.46 -6.44
C HIS B 483 11.43 18.04 -7.76
N HIS B 484 11.95 18.53 -8.88
CA HIS B 484 11.55 18.13 -10.23
C HIS B 484 12.63 18.49 -11.26
N GLN B 485 12.53 17.97 -12.48
CA GLN B 485 13.43 18.26 -13.59
C GLN B 485 12.64 18.57 -14.86
N THR B 486 12.97 19.65 -15.58
CA THR B 486 12.28 20.00 -16.83
C THR B 486 12.79 19.23 -18.04
N GLU B 487 11.98 19.05 -19.07
CA GLU B 487 12.39 18.50 -20.36
C GLU B 487 13.09 19.55 -21.25
N ARG B 488 13.91 19.11 -22.21
CA ARG B 488 14.65 19.97 -23.14
C ARG B 488 13.74 20.61 -24.18
N THR B 489 13.05 21.66 -23.79
CA THR B 489 12.04 22.34 -24.60
C THR B 489 12.69 23.17 -25.72
N TYR B 490 12.22 22.96 -26.94
CA TYR B 490 12.57 23.74 -28.13
C TYR B 490 11.42 24.67 -28.53
N LYS B 491 11.73 25.93 -28.78
CA LYS B 491 10.78 26.97 -29.18
C LYS B 491 11.18 27.64 -30.49
N LEU B 492 10.19 28.02 -31.30
CA LEU B 492 10.35 28.83 -32.52
C LEU B 492 9.35 30.00 -32.51
N ASP B 493 9.83 31.22 -32.75
CA ASP B 493 9.05 32.45 -32.53
C ASP B 493 8.44 32.54 -31.11
N GLY B 494 9.08 31.90 -30.12
CA GLY B 494 8.62 31.79 -28.74
C GLY B 494 7.54 30.73 -28.48
N VAL B 495 7.14 29.96 -29.49
CA VAL B 495 6.12 28.90 -29.39
C VAL B 495 6.77 27.52 -29.36
N THR B 496 6.38 26.67 -28.41
CA THR B 496 6.94 25.33 -28.23
C THR B 496 6.67 24.43 -29.43
N VAL B 497 7.72 23.84 -30.00
CA VAL B 497 7.65 22.94 -31.15
C VAL B 497 8.03 21.50 -30.82
N ALA B 498 8.94 21.27 -29.87
CA ALA B 498 9.39 19.93 -29.47
C ALA B 498 9.91 19.92 -28.03
N LYS B 499 10.00 18.74 -27.38
CA LYS B 499 10.44 18.62 -25.97
C LYS B 499 11.68 17.75 -25.67
N ASN B 500 12.27 17.08 -26.64
CA ASN B 500 13.57 16.38 -26.54
C ASN B 500 14.19 16.29 -27.94
N ARG B 501 15.48 15.96 -28.09
CA ARG B 501 16.12 15.84 -29.42
C ARG B 501 15.53 14.67 -30.21
N LYS B 502 15.36 13.54 -29.54
CA LYS B 502 14.62 12.33 -29.93
C LYS B 502 13.72 11.90 -28.77
N LYS B 503 12.69 11.10 -29.01
CA LYS B 503 11.65 10.79 -28.02
C LYS B 503 12.12 10.02 -26.78
N ARG B 504 11.72 10.47 -25.59
CA ARG B 504 11.69 9.66 -24.35
C ARG B 504 10.71 8.51 -24.50
N MET B 505 10.82 7.50 -23.64
CA MET B 505 10.00 6.29 -23.75
C MET B 505 8.47 6.53 -23.81
N GLU B 506 7.84 7.12 -22.79
CA GLU B 506 6.42 7.51 -22.85
C GLU B 506 6.07 8.75 -23.71
N GLN B 507 7.01 9.33 -24.46
CA GLN B 507 6.75 10.62 -25.10
C GLN B 507 5.90 10.48 -26.36
N LYS B 508 4.61 10.79 -26.24
CA LYS B 508 3.65 10.82 -27.34
C LYS B 508 3.67 12.13 -28.14
N THR B 509 4.16 13.22 -27.54
CA THR B 509 4.42 14.53 -28.20
C THR B 509 5.73 14.52 -28.99
N ASP B 510 5.99 15.55 -29.78
CA ASP B 510 7.12 15.60 -30.72
C ASP B 510 8.48 15.85 -30.09
N SER B 511 9.50 15.16 -30.62
CA SER B 511 10.91 15.53 -30.51
C SER B 511 11.34 16.40 -31.69
N LEU B 512 12.59 16.87 -31.74
CA LEU B 512 13.08 17.50 -32.95
C LEU B 512 13.10 16.56 -34.16
N GLU B 513 13.37 15.28 -33.99
CA GLU B 513 13.27 14.33 -35.10
C GLU B 513 11.84 14.31 -35.69
N ASP B 514 10.81 14.22 -34.85
CA ASP B 514 9.42 14.23 -35.34
C ASP B 514 9.06 15.55 -36.02
N TRP B 515 9.36 16.67 -35.37
CA TRP B 515 9.04 18.00 -35.88
C TRP B 515 9.77 18.32 -37.19
N TYR B 516 11.06 18.01 -37.32
CA TYR B 516 11.80 18.25 -38.54
C TYR B 516 11.26 17.44 -39.73
N VAL B 517 10.93 16.16 -39.53
CA VAL B 517 10.38 15.30 -40.58
C VAL B 517 9.06 15.87 -41.11
N ASP B 518 8.16 16.32 -40.24
CA ASP B 518 6.92 16.96 -40.67
C ASP B 518 7.13 18.35 -41.30
N MET B 519 8.06 19.17 -40.83
CA MET B 519 8.39 20.43 -41.50
C MET B 519 8.99 20.21 -42.89
N ALA B 520 9.85 19.20 -43.08
CA ALA B 520 10.43 18.88 -44.37
C ALA B 520 9.39 18.36 -45.38
N LYS B 521 8.33 17.66 -44.95
CA LYS B 521 7.18 17.35 -45.81
C LYS B 521 6.50 18.62 -46.30
N GLU B 522 6.19 19.55 -45.39
CA GLU B 522 5.37 20.71 -45.69
C GLU B 522 6.12 21.81 -46.46
N HIS B 523 7.41 22.03 -46.18
CA HIS B 523 8.18 23.16 -46.71
C HIS B 523 9.46 22.79 -47.49
N GLY B 524 9.84 21.52 -47.55
CA GLY B 524 11.11 21.07 -48.10
C GLY B 524 12.31 21.35 -47.20
N LYS B 525 13.46 20.72 -47.47
CA LYS B 525 14.61 20.70 -46.54
C LYS B 525 15.18 22.08 -46.26
N THR B 526 15.33 22.93 -47.26
CA THR B 526 15.97 24.24 -47.08
C THR B 526 15.22 25.09 -46.05
N GLN B 527 13.89 25.10 -46.09
CA GLN B 527 13.09 25.84 -45.12
C GLN B 527 13.10 25.17 -43.74
N ALA B 528 13.01 23.85 -43.67
CA ALA B 528 13.05 23.14 -42.40
C ALA B 528 14.40 23.32 -41.68
N ASP B 529 15.51 23.37 -42.41
CA ASP B 529 16.83 23.70 -41.88
C ASP B 529 16.91 25.17 -41.42
N ALA B 530 16.33 26.09 -42.19
CA ALA B 530 16.23 27.49 -41.79
C ALA B 530 15.36 27.69 -40.55
N MET B 531 14.49 26.72 -40.21
CA MET B 531 13.71 26.71 -38.99
C MET B 531 14.45 26.03 -37.82
N ARG B 532 15.13 24.89 -38.03
CA ARG B 532 16.05 24.30 -37.02
C ARG B 532 17.08 25.31 -36.53
N SER B 533 17.77 25.97 -37.45
CA SER B 533 18.80 26.96 -37.16
C SER B 533 18.30 28.20 -36.41
N ARG B 534 16.98 28.41 -36.29
CA ARG B 534 16.33 29.53 -35.56
C ARG B 534 15.74 29.12 -34.20
N LEU B 535 15.84 27.86 -33.79
CA LEU B 535 15.30 27.37 -32.53
C LEU B 535 15.96 28.00 -31.31
N THR B 536 15.18 28.24 -30.27
CA THR B 536 15.63 28.58 -28.92
C THR B 536 15.43 27.39 -28.00
N VAL B 537 16.37 27.12 -27.11
CA VAL B 537 16.37 25.91 -26.27
C VAL B 537 16.51 26.25 -24.81
N ILE B 538 15.70 25.63 -23.97
CA ILE B 538 15.92 25.56 -22.53
C ILE B 538 16.35 24.14 -22.21
N LYS B 539 17.56 23.99 -21.66
CA LYS B 539 18.12 22.69 -21.29
C LYS B 539 17.36 22.05 -20.14
N SER B 540 17.35 20.73 -20.07
CA SER B 540 16.69 20.00 -18.99
C SER B 540 17.31 20.38 -17.66
N THR B 541 16.57 21.08 -16.81
CA THR B 541 17.07 21.74 -15.60
C THR B 541 16.49 21.08 -14.35
N ARG B 542 17.34 20.67 -13.42
CA ARG B 542 16.94 20.19 -12.08
C ARG B 542 16.60 21.37 -11.16
N TYR B 543 15.49 21.26 -10.44
CA TYR B 543 15.01 22.20 -9.43
C TYR B 543 15.18 21.56 -8.06
N TYR B 544 15.78 22.27 -7.09
CA TYR B 544 16.21 21.68 -5.83
C TYR B 544 15.38 22.14 -4.62
N ASN B 545 15.02 21.19 -3.76
CA ASN B 545 14.34 21.46 -2.49
C ASN B 545 15.24 22.18 -1.48
N THR B 546 14.67 23.14 -0.76
CA THR B 546 15.30 23.78 0.39
C THR B 546 15.41 22.81 1.58
N PRO B 547 16.61 22.50 2.12
CA PRO B 547 16.76 21.75 3.35
C PRO B 547 16.34 22.55 4.59
N GLY B 548 15.79 21.89 5.61
CA GLY B 548 15.44 22.54 6.88
C GLY B 548 14.27 23.52 6.82
N ARG B 549 13.48 23.47 5.75
CA ARG B 549 12.28 24.29 5.52
C ARG B 549 11.12 23.88 6.43
N MET B 550 10.13 24.76 6.58
CA MET B 550 8.84 24.40 7.18
C MET B 550 8.15 23.35 6.34
N MET B 551 7.64 22.29 6.96
CA MET B 551 6.90 21.22 6.29
C MET B 551 5.40 21.50 6.27
N PRO B 552 4.65 20.98 5.30
CA PRO B 552 3.20 20.96 5.34
C PRO B 552 2.68 20.41 6.67
N GLY B 553 1.51 20.87 7.11
CA GLY B 553 0.96 20.56 8.43
C GLY B 553 1.42 21.50 9.55
N THR B 554 2.38 22.37 9.28
CA THR B 554 2.73 23.47 10.19
C THR B 554 1.53 24.39 10.41
N VAL B 555 1.21 24.69 11.66
CA VAL B 555 0.15 25.62 12.03
C VAL B 555 0.73 27.02 12.17
N PHE B 556 0.04 28.04 11.68
CA PHE B 556 0.49 29.43 11.75
C PHE B 556 -0.64 30.45 11.92
N LEU B 557 -0.33 31.63 12.46
CA LEU B 557 -1.23 32.77 12.54
C LEU B 557 -0.89 33.80 11.48
N TYR B 558 -1.91 34.28 10.76
CA TYR B 558 -1.85 35.43 9.87
C TYR B 558 -3.05 36.33 10.13
N GLU B 559 -2.82 37.63 10.34
CA GLU B 559 -3.87 38.62 10.64
C GLU B 559 -4.86 38.16 11.74
N GLY B 560 -4.35 37.47 12.75
CA GLY B 560 -5.12 36.99 13.89
C GLY B 560 -5.97 35.73 13.66
N LYS B 561 -5.85 35.06 12.52
CA LYS B 561 -6.56 33.79 12.22
C LYS B 561 -5.59 32.61 12.03
N ARG B 562 -6.01 31.43 12.47
CA ARG B 562 -5.28 30.17 12.38
C ARG B 562 -5.35 29.58 10.97
N TYR B 563 -4.21 29.17 10.44
CA TYR B 563 -4.08 28.48 9.17
C TYR B 563 -3.15 27.28 9.29
N VAL B 564 -3.34 26.27 8.44
CA VAL B 564 -2.47 25.09 8.32
C VAL B 564 -1.79 25.12 6.96
N MET B 565 -0.47 25.07 6.94
CA MET B 565 0.32 25.12 5.72
C MET B 565 0.14 23.86 4.87
N THR B 566 -0.16 24.04 3.58
CA THR B 566 -0.20 22.95 2.60
C THR B 566 1.00 22.97 1.64
N GLY B 567 1.72 24.08 1.48
CA GLY B 567 2.94 24.07 0.66
C GLY B 567 3.65 25.41 0.52
N GLN B 568 4.96 25.38 0.30
CA GLN B 568 5.78 26.57 0.05
C GLN B 568 5.80 26.99 -1.42
N ILE B 569 6.05 28.26 -1.69
CA ILE B 569 6.42 28.83 -3.00
C ILE B 569 7.59 29.79 -2.86
N THR B 570 8.42 29.84 -3.90
CA THR B 570 9.52 30.80 -4.12
C THR B 570 10.57 30.77 -3.02
N ASN B 571 11.24 29.62 -2.88
CA ASN B 571 12.28 29.37 -1.88
C ASN B 571 11.79 29.63 -0.45
N GLY B 572 10.55 29.24 -0.16
CA GLY B 572 9.91 29.43 1.13
C GLY B 572 9.43 30.85 1.43
N LYS B 573 9.39 31.77 0.47
CA LYS B 573 8.92 33.15 0.71
C LYS B 573 7.42 33.24 0.94
N TYR B 574 6.62 32.34 0.37
CA TYR B 574 5.17 32.33 0.50
C TYR B 574 4.66 30.95 0.90
N TYR B 575 3.64 30.91 1.75
CA TYR B 575 2.97 29.70 2.18
C TYR B 575 1.57 29.63 1.57
N ARG B 576 1.20 28.48 1.03
CA ARG B 576 -0.18 28.08 0.74
C ARG B 576 -0.80 27.48 2.00
N ALA B 577 -2.10 27.60 2.17
CA ALA B 577 -2.83 27.09 3.32
C ALA B 577 -4.10 26.34 2.95
N TYR B 578 -4.55 25.45 3.83
CA TYR B 578 -5.73 24.63 3.62
C TYR B 578 -7.01 25.48 3.44
N GLY B 579 -7.80 25.17 2.42
CA GLY B 579 -9.07 25.85 2.12
C GLY B 579 -8.96 27.25 1.52
N GLN B 580 -7.76 27.78 1.31
CA GLN B 580 -7.50 29.14 0.82
C GLN B 580 -7.08 29.18 -0.66
N GLU B 581 -7.24 28.08 -1.39
CA GLU B 581 -6.94 27.98 -2.82
C GLU B 581 -5.51 28.45 -3.15
N LYS B 582 -5.29 29.19 -4.24
CA LYS B 582 -3.97 29.64 -4.68
C LYS B 582 -3.44 30.88 -3.94
N ARG B 583 -4.01 31.26 -2.79
CA ARG B 583 -3.59 32.44 -2.02
C ARG B 583 -2.20 32.27 -1.42
N ASN B 584 -1.33 33.24 -1.67
CA ASN B 584 0.07 33.25 -1.24
C ASN B 584 0.23 34.08 0.06
N PHE B 585 0.39 33.46 1.22
CA PHE B 585 0.62 34.13 2.50
C PHE B 585 2.11 34.47 2.69
N PRO B 586 2.52 35.75 2.80
CA PRO B 586 3.93 36.10 2.92
C PRO B 586 4.53 35.64 4.25
N ALA B 587 5.64 34.92 4.20
CA ALA B 587 6.25 34.29 5.38
C ALA B 587 6.74 35.28 6.46
N VAL B 588 6.94 36.55 6.10
CA VAL B 588 7.27 37.64 7.03
C VAL B 588 6.06 38.07 7.87
N LYS B 589 4.84 38.03 7.33
CA LYS B 589 3.59 38.41 8.01
C LYS B 589 2.99 37.30 8.88
N VAL B 590 3.69 36.19 9.03
CA VAL B 590 3.24 34.93 9.63
C VAL B 590 3.99 34.63 10.94
N ARG B 591 3.26 34.20 11.98
CA ARG B 591 3.85 33.54 13.17
C ARG B 591 3.58 32.05 13.12
N ILE B 592 4.63 31.23 13.22
CA ILE B 592 4.49 29.78 13.36
C ILE B 592 4.06 29.44 14.79
N LEU B 593 2.98 28.68 14.93
CA LEU B 593 2.51 28.19 16.22
C LEU B 593 3.17 26.86 16.58
N THR B 594 2.96 25.85 15.75
CA THR B 594 3.57 24.53 15.92
C THR B 594 4.04 23.98 14.58
N LYS B 595 5.24 23.39 14.59
CA LYS B 595 5.75 22.56 13.50
C LYS B 595 4.91 21.30 13.39
N ASN B 596 4.94 20.67 12.23
CA ASN B 596 4.02 19.60 11.85
C ASN B 596 3.92 18.48 12.89
N THR B 597 2.72 18.29 13.47
CA THR B 597 2.40 17.24 14.45
C THR B 597 1.96 15.93 13.80
N GLY B 598 2.05 15.78 12.47
CA GLY B 598 1.67 14.58 11.74
C GLY B 598 0.17 14.53 11.48
N LEU B 599 -0.61 14.25 12.53
CA LEU B 599 -2.04 14.50 12.57
C LEU B 599 -2.29 15.96 12.95
N VAL B 600 -3.01 16.71 12.12
CA VAL B 600 -3.23 18.16 12.27
C VAL B 600 -4.69 18.53 12.03
N PHE B 601 -5.30 19.29 12.94
CA PHE B 601 -6.69 19.73 12.80
C PHE B 601 -6.84 20.88 11.80
N VAL B 602 -7.91 20.86 11.01
CA VAL B 602 -8.23 21.86 9.96
C VAL B 602 -9.70 22.31 10.01
N ALA B 603 -10.01 23.47 9.44
CA ALA B 603 -11.33 24.09 9.51
C ALA B 603 -12.47 23.19 9.00
MG MG E . -16.20 4.08 7.04
MG MG F . -16.19 0.60 9.22
ZN ZN G . 4.27 -6.62 -33.39
ZN ZN H . 12.34 -25.85 15.80
MG MG I . 5.09 -1.67 -20.93
MG MG J . 34.62 9.26 -12.39
#